data_7P42
#
_entry.id   7P42
#
_cell.length_a   57.629
_cell.length_b   57.629
_cell.length_c   159.246
_cell.angle_alpha   90.000
_cell.angle_beta   90.000
_cell.angle_gamma   120.000
#
_symmetry.space_group_name_H-M   'P 32 2 1'
#
loop_
_entity.id
_entity.type
_entity.pdbx_description
1 polymer 'Chaperone protein IpgC'
2 non-polymer 'MAGNESIUM ION'
3 non-polymer 'CHLORIDE ION'
4 non-polymer 'DIMETHYL SULFOXIDE'
5 non-polymer DI(HYDROXYETHYL)ETHER
6 non-polymer 2-(4,6-dimethylpyrimidin-2-yl)-3H-isoindol-1-imine
7 water water
#
_entity_poly.entity_id   1
_entity_poly.type   'polypeptide(L)'
_entity_poly.pdbx_seq_one_letter_code
;GSISTAVIDAINSGATLKDINAIPDDMMDDIYSYAYDFYNKGRIEEAEVFFRFLCIYDFYNVDYIMGLAAIYQIKEQFQQ
AADLYAVAFALGKNDYTPVFHTGQCQLRLKAPLKAKECFELVIQHSNDEKLKIKAQSYLDAIQ
;
_entity_poly.pdbx_strand_id   A,B
#
loop_
_chem_comp.id
_chem_comp.type
_chem_comp.name
_chem_comp.formula
5I8 non-polymer 2-(4,6-dimethylpyrimidin-2-yl)-3H-isoindol-1-imine 'C14 H14 N4'
CL non-polymer 'CHLORIDE ION' 'Cl -1'
DMS non-polymer 'DIMETHYL SULFOXIDE' 'C2 H6 O S'
MG non-polymer 'MAGNESIUM ION' 'Mg 2'
PEG non-polymer DI(HYDROXYETHYL)ETHER 'C4 H10 O3'
#
# COMPACT_ATOMS: atom_id res chain seq x y z
N ILE A 8 16.51 0.22 20.71
CA ILE A 8 15.56 0.82 21.64
C ILE A 8 15.19 2.23 21.18
N ASP A 9 16.21 3.00 20.78
CA ASP A 9 15.97 4.33 20.22
C ASP A 9 15.11 4.25 18.97
N ALA A 10 15.30 3.21 18.16
CA ALA A 10 14.50 3.04 16.95
C ALA A 10 13.07 2.64 17.30
N ILE A 11 12.89 1.84 18.33
CA ILE A 11 11.55 1.51 18.81
C ILE A 11 10.81 2.79 19.22
N ASN A 12 11.49 3.69 19.93
CA ASN A 12 10.89 4.93 20.39
C ASN A 12 10.72 5.97 19.28
N SER A 13 11.49 5.88 18.20
CA SER A 13 11.42 6.85 17.12
C SER A 13 10.79 6.30 15.84
N GLY A 14 10.28 5.06 15.87
CA GLY A 14 9.65 4.49 14.70
C GLY A 14 10.58 4.10 13.58
N ALA A 15 11.88 4.33 13.73
CA ALA A 15 12.87 3.98 12.72
C ALA A 15 13.04 2.47 12.62
N THR A 16 13.28 1.98 11.40
CA THR A 16 13.48 0.56 11.25
C THR A 16 14.89 0.17 11.70
N LEU A 17 15.09 -1.13 11.91
CA LEU A 17 16.43 -1.64 12.21
C LEU A 17 17.35 -1.45 11.01
N LYS A 18 16.79 -1.51 9.81
CA LYS A 18 17.56 -1.25 8.60
C LYS A 18 18.10 0.18 8.62
N ASP A 19 17.30 1.13 9.11
CA ASP A 19 17.72 2.53 9.15
C ASP A 19 19.01 2.72 9.96
N ILE A 20 19.21 1.90 10.99
CA ILE A 20 20.40 2.02 11.83
C ILE A 20 21.46 0.97 11.49
N ASN A 21 21.31 0.27 10.37
CA ASN A 21 22.26 -0.76 9.92
C ASN A 21 22.60 -1.75 11.05
N ALA A 22 21.56 -2.29 11.68
CA ALA A 22 21.77 -3.15 12.85
C ALA A 22 22.36 -4.51 12.48
N ILE A 23 22.18 -4.96 11.24
CA ILE A 23 22.71 -6.21 10.71
C ILE A 23 23.32 -5.91 9.35
N PRO A 24 24.53 -6.39 9.05
CA PRO A 24 25.16 -6.05 7.75
C PRO A 24 24.29 -6.47 6.58
N ASP A 25 24.44 -5.74 5.46
CA ASP A 25 23.60 -5.97 4.29
C ASP A 25 23.72 -7.40 3.80
N ASP A 26 24.94 -7.91 3.70
CA ASP A 26 25.12 -9.25 3.15
C ASP A 26 24.53 -10.33 4.06
N MET A 27 24.58 -10.12 5.38
CA MET A 27 23.90 -11.06 6.26
C MET A 27 22.39 -11.01 6.06
N MET A 28 21.84 -9.81 5.83
CA MET A 28 20.42 -9.73 5.52
C MET A 28 20.09 -10.47 4.22
N ASP A 29 20.93 -10.33 3.20
CA ASP A 29 20.72 -11.11 1.97
C ASP A 29 20.68 -12.59 2.28
N ASP A 30 21.60 -13.06 3.11
CA ASP A 30 21.63 -14.48 3.45
C ASP A 30 20.34 -14.89 4.15
N ILE A 31 19.84 -14.07 5.08
CA ILE A 31 18.63 -14.42 5.80
C ILE A 31 17.43 -14.48 4.85
N TYR A 32 17.36 -13.54 3.90
CA TYR A 32 16.29 -13.58 2.90
C TYR A 32 16.38 -14.84 2.05
N SER A 33 17.60 -15.23 1.66
N SER A 33 17.60 -15.23 1.66
CA SER A 33 17.76 -16.44 0.86
CA SER A 33 17.78 -16.44 0.87
C SER A 33 17.39 -17.69 1.66
C SER A 33 17.38 -17.68 1.66
N TYR A 34 17.72 -17.70 2.95
CA TYR A 34 17.33 -18.83 3.79
C TYR A 34 15.81 -18.89 3.96
N ALA A 35 15.17 -17.72 4.10
CA ALA A 35 13.72 -17.69 4.18
C ALA A 35 13.08 -18.30 2.94
N TYR A 36 13.59 -17.91 1.77
N TYR A 36 13.57 -17.94 1.76
CA TYR A 36 13.11 -18.46 0.51
CA TYR A 36 12.98 -18.53 0.57
C TYR A 36 13.37 -19.96 0.44
C TYR A 36 13.40 -19.99 0.38
N ASP A 37 14.54 -20.40 0.94
CA ASP A 37 14.85 -21.84 0.96
C ASP A 37 13.82 -22.61 1.78
N PHE A 38 13.51 -22.13 2.99
CA PHE A 38 12.46 -22.76 3.79
C PHE A 38 11.15 -22.80 3.02
N TYR A 39 10.79 -21.67 2.39
CA TYR A 39 9.55 -21.57 1.64
C TYR A 39 9.52 -22.60 0.50
N ASN A 40 10.61 -22.66 -0.28
CA ASN A 40 10.64 -23.57 -1.43
C ASN A 40 10.59 -25.03 -1.00
N LYS A 41 11.05 -25.32 0.22
CA LYS A 41 11.05 -26.68 0.74
C LYS A 41 9.80 -27.01 1.53
N GLY A 42 8.81 -26.11 1.58
CA GLY A 42 7.59 -26.44 2.28
C GLY A 42 7.69 -26.34 3.77
N ARG A 43 8.79 -25.78 4.28
CA ARG A 43 8.98 -25.56 5.71
C ARG A 43 8.32 -24.23 6.07
N ILE A 44 6.98 -24.26 6.06
CA ILE A 44 6.20 -23.03 6.13
C ILE A 44 6.32 -22.36 7.49
N GLU A 45 6.38 -23.14 8.57
CA GLU A 45 6.49 -22.53 9.88
C GLU A 45 7.81 -21.78 10.02
N GLU A 46 8.90 -22.37 9.54
CA GLU A 46 10.20 -21.72 9.61
C GLU A 46 10.27 -20.53 8.65
N ALA A 47 9.71 -20.69 7.46
CA ALA A 47 9.66 -19.56 6.54
C ALA A 47 8.89 -18.38 7.14
N GLU A 48 7.78 -18.68 7.84
CA GLU A 48 7.01 -17.61 8.46
C GLU A 48 7.80 -16.87 9.54
N VAL A 49 8.53 -17.61 10.37
CA VAL A 49 9.42 -16.96 11.34
C VAL A 49 10.40 -16.06 10.63
N PHE A 50 11.04 -16.58 9.57
CA PHE A 50 12.08 -15.81 8.89
C PHE A 50 11.51 -14.58 8.17
N PHE A 51 10.37 -14.73 7.49
CA PHE A 51 9.81 -13.55 6.84
C PHE A 51 9.25 -12.55 7.85
N ARG A 52 8.73 -13.01 9.00
CA ARG A 52 8.38 -12.04 10.03
C ARG A 52 9.61 -11.31 10.53
N PHE A 53 10.71 -12.03 10.73
CA PHE A 53 11.95 -11.41 11.18
C PHE A 53 12.39 -10.33 10.18
N LEU A 54 12.35 -10.66 8.89
CA LEU A 54 12.76 -9.70 7.86
C LEU A 54 11.85 -8.47 7.86
N CYS A 55 10.55 -8.66 8.02
CA CYS A 55 9.63 -7.53 8.00
C CYS A 55 9.73 -6.68 9.27
N ILE A 56 10.14 -7.27 10.40
CA ILE A 56 10.45 -6.46 11.57
C ILE A 56 11.71 -5.64 11.31
N TYR A 57 12.68 -6.24 10.63
CA TYR A 57 13.94 -5.55 10.38
C TYR A 57 13.72 -4.37 9.44
N ASP A 58 12.94 -4.55 8.37
CA ASP A 58 12.69 -3.47 7.40
C ASP A 58 11.24 -3.60 6.89
N PHE A 59 10.32 -2.92 7.56
CA PHE A 59 8.93 -2.94 7.16
C PHE A 59 8.70 -2.33 5.79
N TYR A 60 9.68 -1.58 5.26
CA TYR A 60 9.49 -0.91 3.97
C TYR A 60 10.13 -1.68 2.82
N ASN A 61 10.50 -2.95 3.01
CA ASN A 61 11.15 -3.71 1.95
C ASN A 61 10.06 -4.53 1.26
N VAL A 62 9.80 -4.21 -0.02
N VAL A 62 9.79 -4.20 -0.01
CA VAL A 62 8.66 -4.80 -0.72
CA VAL A 62 8.66 -4.80 -0.72
C VAL A 62 8.80 -6.31 -0.85
C VAL A 62 8.80 -6.31 -0.81
N ASP A 63 10.00 -6.79 -1.15
CA ASP A 63 10.21 -8.23 -1.29
C ASP A 63 10.05 -8.96 0.05
N TYR A 64 10.47 -8.32 1.14
CA TYR A 64 10.25 -8.96 2.44
C TYR A 64 8.77 -9.07 2.73
N ILE A 65 8.01 -8.00 2.48
N ILE A 65 8.03 -7.99 2.49
CA ILE A 65 6.57 -8.02 2.69
CA ILE A 65 6.57 -7.97 2.65
C ILE A 65 5.90 -9.05 1.78
C ILE A 65 5.92 -9.06 1.79
N MET A 66 6.33 -9.13 0.51
CA MET A 66 5.74 -10.09 -0.42
C MET A 66 5.95 -11.52 0.06
N GLY A 67 7.11 -11.81 0.69
CA GLY A 67 7.34 -13.14 1.22
C GLY A 67 6.40 -13.49 2.34
N LEU A 68 6.20 -12.55 3.28
CA LEU A 68 5.25 -12.81 4.36
C LEU A 68 3.82 -12.94 3.83
N ALA A 69 3.44 -12.10 2.86
CA ALA A 69 2.10 -12.19 2.29
C ALA A 69 1.89 -13.54 1.63
N ALA A 70 2.91 -14.05 0.94
CA ALA A 70 2.80 -15.35 0.29
C ALA A 70 2.57 -16.45 1.32
N ILE A 71 3.30 -16.39 2.43
N ILE A 71 3.25 -16.38 2.47
CA ILE A 71 3.10 -17.34 3.54
CA ILE A 71 3.05 -17.42 3.47
C ILE A 71 1.66 -17.31 3.99
C ILE A 71 1.65 -17.33 4.06
N TYR A 72 1.13 -16.11 4.26
CA TYR A 72 -0.24 -16.00 4.74
C TYR A 72 -1.22 -16.54 3.71
N GLN A 73 -0.96 -16.29 2.43
CA GLN A 73 -1.83 -16.83 1.39
C GLN A 73 -1.79 -18.35 1.36
N ILE A 74 -0.59 -18.94 1.44
CA ILE A 74 -0.47 -20.41 1.49
C ILE A 74 -1.24 -20.96 2.68
N LYS A 75 -1.19 -20.26 3.81
CA LYS A 75 -1.88 -20.72 5.01
C LYS A 75 -3.37 -20.42 4.97
N GLU A 76 -3.87 -19.86 3.87
CA GLU A 76 -5.29 -19.59 3.67
C GLU A 76 -5.80 -18.49 4.60
N GLN A 77 -4.88 -17.62 5.02
CA GLN A 77 -5.20 -16.40 5.74
C GLN A 77 -5.33 -15.28 4.71
N PHE A 78 -6.44 -15.35 3.97
CA PHE A 78 -6.53 -14.60 2.71
C PHE A 78 -6.67 -13.12 2.95
N GLN A 79 -7.40 -12.71 3.98
CA GLN A 79 -7.52 -11.27 4.26
C GLN A 79 -6.19 -10.70 4.74
N GLN A 80 -5.48 -11.45 5.58
CA GLN A 80 -4.18 -10.98 6.04
C GLN A 80 -3.20 -10.85 4.88
N ALA A 81 -3.23 -11.81 3.94
CA ALA A 81 -2.38 -11.71 2.76
C ALA A 81 -2.73 -10.48 1.93
N ALA A 82 -4.03 -10.29 1.66
CA ALA A 82 -4.47 -9.16 0.85
C ALA A 82 -4.07 -7.84 1.48
N ASP A 83 -4.14 -7.74 2.82
CA ASP A 83 -3.74 -6.51 3.49
C ASP A 83 -2.27 -6.19 3.23
N LEU A 84 -1.40 -7.19 3.35
CA LEU A 84 0.02 -6.97 3.09
C LEU A 84 0.27 -6.70 1.60
N TYR A 85 -0.44 -7.40 0.73
CA TYR A 85 -0.28 -7.13 -0.70
C TYR A 85 -0.59 -5.68 -1.03
N ALA A 86 -1.59 -5.09 -0.36
CA ALA A 86 -1.90 -3.69 -0.64
C ALA A 86 -0.72 -2.79 -0.25
N VAL A 87 -0.10 -3.06 0.90
CA VAL A 87 1.09 -2.31 1.27
C VAL A 87 2.22 -2.55 0.27
N ALA A 88 2.46 -3.81 -0.10
CA ALA A 88 3.54 -4.10 -1.05
C ALA A 88 3.34 -3.37 -2.37
N PHE A 89 2.10 -3.35 -2.84
CA PHE A 89 1.82 -2.63 -4.08
C PHE A 89 2.17 -1.16 -3.92
N ALA A 90 1.71 -0.55 -2.83
CA ALA A 90 1.91 0.87 -2.64
C ALA A 90 3.38 1.25 -2.54
N LEU A 91 4.18 0.43 -1.84
CA LEU A 91 5.58 0.77 -1.70
C LEU A 91 6.33 0.62 -3.02
N GLY A 92 5.92 -0.34 -3.85
CA GLY A 92 6.57 -0.60 -5.12
C GLY A 92 6.10 0.31 -6.25
N LYS A 93 4.90 0.88 -6.11
CA LYS A 93 4.26 1.75 -7.09
C LYS A 93 3.83 1.11 -8.41
N ASN A 94 4.73 0.43 -9.10
CA ASN A 94 4.47 0.00 -10.47
C ASN A 94 4.59 -1.49 -10.71
N ASP A 95 4.62 -2.30 -9.64
CA ASP A 95 4.65 -3.76 -9.75
C ASP A 95 3.26 -4.27 -9.41
N TYR A 96 2.58 -4.86 -10.40
CA TYR A 96 1.22 -5.34 -10.22
C TYR A 96 1.13 -6.77 -9.74
N THR A 97 2.27 -7.44 -9.52
CA THR A 97 2.23 -8.79 -8.93
C THR A 97 1.43 -8.85 -7.63
N PRO A 98 1.60 -7.94 -6.66
CA PRO A 98 0.74 -8.02 -5.46
C PRO A 98 -0.74 -7.85 -5.76
N VAL A 99 -1.08 -7.08 -6.81
CA VAL A 99 -2.49 -6.92 -7.18
C VAL A 99 -3.04 -8.23 -7.73
N PHE A 100 -2.23 -8.93 -8.53
CA PHE A 100 -2.63 -10.24 -9.03
C PHE A 100 -2.94 -11.20 -7.89
N HIS A 101 -2.04 -11.29 -6.92
CA HIS A 101 -2.26 -12.19 -5.80
C HIS A 101 -3.45 -11.75 -4.95
N THR A 102 -3.67 -10.43 -4.81
CA THR A 102 -4.87 -9.97 -4.13
C THR A 102 -6.11 -10.48 -4.84
N GLY A 103 -6.10 -10.49 -6.18
CA GLY A 103 -7.24 -11.02 -6.90
C GLY A 103 -7.51 -12.47 -6.55
N GLN A 104 -6.45 -13.28 -6.44
CA GLN A 104 -6.61 -14.66 -6.01
C GLN A 104 -7.24 -14.72 -4.63
N CYS A 105 -6.73 -13.90 -3.69
CA CYS A 105 -7.26 -13.87 -2.34
C CYS A 105 -8.75 -13.51 -2.34
N GLN A 106 -9.13 -12.54 -3.17
CA GLN A 106 -10.53 -12.12 -3.19
C GLN A 106 -11.44 -13.22 -3.70
N LEU A 107 -10.99 -13.99 -4.70
CA LEU A 107 -11.78 -15.13 -5.13
C LEU A 107 -11.99 -16.13 -4.00
N ARG A 108 -10.93 -16.36 -3.22
CA ARG A 108 -11.07 -17.31 -2.10
C ARG A 108 -11.96 -16.75 -1.01
N LEU A 109 -12.04 -15.42 -0.88
CA LEU A 109 -12.93 -14.77 0.08
C LEU A 109 -14.35 -14.60 -0.45
N LYS A 110 -14.66 -15.18 -1.61
CA LYS A 110 -16.00 -15.11 -2.21
C LYS A 110 -16.40 -13.67 -2.56
N ALA A 111 -15.42 -12.89 -3.04
CA ALA A 111 -15.64 -11.52 -3.47
C ALA A 111 -15.22 -11.40 -4.94
N PRO A 112 -15.99 -12.00 -5.86
CA PRO A 112 -15.55 -12.04 -7.26
C PRO A 112 -15.50 -10.70 -7.95
N LEU A 113 -16.34 -9.74 -7.57
CA LEU A 113 -16.24 -8.42 -8.19
C LEU A 113 -14.96 -7.72 -7.77
N LYS A 114 -14.55 -7.86 -6.52
CA LYS A 114 -13.26 -7.32 -6.12
C LYS A 114 -12.12 -7.99 -6.86
N ALA A 115 -12.19 -9.32 -7.02
CA ALA A 115 -11.14 -10.03 -7.75
C ALA A 115 -11.06 -9.56 -9.19
N LYS A 116 -12.22 -9.45 -9.85
CA LYS A 116 -12.25 -8.98 -11.23
C LYS A 116 -11.57 -7.61 -11.36
N GLU A 117 -11.84 -6.71 -10.43
CA GLU A 117 -11.21 -5.40 -10.47
C GLU A 117 -9.69 -5.52 -10.35
N CYS A 118 -9.23 -6.42 -9.48
CA CYS A 118 -7.79 -6.65 -9.36
C CYS A 118 -7.20 -7.15 -10.68
N PHE A 119 -7.80 -8.18 -11.26
CA PHE A 119 -7.21 -8.74 -12.48
C PHE A 119 -7.29 -7.73 -13.63
N GLU A 120 -8.38 -6.96 -13.70
CA GLU A 120 -8.49 -5.93 -14.74
C GLU A 120 -7.42 -4.86 -14.57
N LEU A 121 -7.11 -4.49 -13.32
CA LEU A 121 -6.07 -3.49 -13.11
C LEU A 121 -4.72 -4.00 -13.60
N VAL A 122 -4.41 -5.27 -13.33
CA VAL A 122 -3.18 -5.87 -13.85
C VAL A 122 -3.12 -5.73 -15.37
N ILE A 123 -4.20 -6.15 -16.05
N ILE A 123 -4.21 -6.10 -16.05
CA ILE A 123 -4.27 -6.08 -17.51
CA ILE A 123 -4.16 -6.08 -17.51
C ILE A 123 -4.05 -4.65 -17.98
C ILE A 123 -4.12 -4.65 -18.05
N GLN A 124 -4.71 -3.70 -17.35
CA GLN A 124 -4.70 -2.32 -17.83
C GLN A 124 -3.38 -1.62 -17.58
N HIS A 125 -2.68 -1.93 -16.48
CA HIS A 125 -1.51 -1.13 -16.11
C HIS A 125 -0.18 -1.88 -16.21
N SER A 126 -0.18 -3.19 -16.07
CA SER A 126 1.11 -3.89 -15.97
C SER A 126 1.79 -3.97 -17.34
N ASN A 127 3.11 -3.91 -17.32
CA ASN A 127 3.93 -4.19 -18.50
C ASN A 127 4.54 -5.58 -18.44
N ASP A 128 4.14 -6.39 -17.47
CA ASP A 128 4.64 -7.75 -17.28
C ASP A 128 3.73 -8.68 -18.08
N GLU A 129 4.17 -9.09 -19.27
CA GLU A 129 3.29 -9.86 -20.15
C GLU A 129 2.93 -11.22 -19.58
N LYS A 130 3.87 -11.88 -18.89
CA LYS A 130 3.54 -13.17 -18.31
C LYS A 130 2.54 -13.03 -17.18
N LEU A 131 2.68 -11.98 -16.37
CA LEU A 131 1.70 -11.71 -15.32
C LEU A 131 0.32 -11.42 -15.90
N LYS A 132 0.28 -10.65 -17.00
CA LYS A 132 -1.01 -10.34 -17.62
C LYS A 132 -1.68 -11.57 -18.20
N ILE A 133 -0.91 -12.49 -18.77
CA ILE A 133 -1.45 -13.75 -19.25
C ILE A 133 -2.14 -14.51 -18.12
N LYS A 134 -1.47 -14.59 -16.96
CA LYS A 134 -2.08 -15.24 -15.81
C LYS A 134 -3.33 -14.50 -15.35
N ALA A 135 -3.27 -13.17 -15.31
CA ALA A 135 -4.44 -12.39 -14.90
C ALA A 135 -5.61 -12.62 -15.84
N GLN A 136 -5.34 -12.68 -17.15
CA GLN A 136 -6.41 -12.92 -18.11
C GLN A 136 -7.03 -14.30 -17.93
N SER A 137 -6.21 -15.31 -17.61
CA SER A 137 -6.75 -16.64 -17.37
C SER A 137 -7.74 -16.64 -16.21
N TYR A 138 -7.47 -15.86 -15.16
CA TYR A 138 -8.45 -15.73 -14.08
C TYR A 138 -9.70 -14.98 -14.54
N LEU A 139 -9.53 -13.87 -15.27
CA LEU A 139 -10.69 -13.14 -15.78
C LEU A 139 -11.56 -14.02 -16.67
N ASP A 140 -10.93 -14.84 -17.52
CA ASP A 140 -11.69 -15.72 -18.41
C ASP A 140 -12.58 -16.67 -17.63
N ALA A 141 -12.18 -17.05 -16.42
CA ALA A 141 -12.94 -17.99 -15.61
C ALA A 141 -14.03 -17.34 -14.77
N ILE A 142 -13.94 -16.05 -14.50
CA ILE A 142 -14.89 -15.38 -13.64
C ILE A 142 -16.24 -15.27 -14.34
N GLN A 143 -17.28 -15.72 -13.66
CA GLN A 143 -18.61 -15.77 -14.27
C GLN A 143 -19.27 -14.40 -14.32
N GLY B 1 5.10 5.34 10.96
CA GLY B 1 3.87 5.95 10.51
C GLY B 1 2.75 4.95 10.30
N SER B 2 1.71 5.39 9.58
N SER B 2 1.73 5.37 9.55
CA SER B 2 0.56 4.53 9.33
CA SER B 2 0.56 4.53 9.35
C SER B 2 0.96 3.23 8.67
C SER B 2 0.92 3.24 8.64
N ILE B 3 1.88 3.29 7.70
CA ILE B 3 2.27 2.09 6.97
C ILE B 3 2.99 1.11 7.89
N SER B 4 3.92 1.60 8.71
N SER B 4 3.93 1.61 8.69
CA SER B 4 4.61 0.70 9.63
CA SER B 4 4.62 0.77 9.67
C SER B 4 3.63 0.07 10.62
C SER B 4 3.62 0.09 10.58
N THR B 5 2.64 0.85 11.08
CA THR B 5 1.60 0.26 11.94
C THR B 5 0.86 -0.86 11.22
N ALA B 6 0.51 -0.66 9.95
CA ALA B 6 -0.16 -1.71 9.20
C ALA B 6 0.70 -2.96 9.07
N VAL B 7 2.00 -2.78 8.82
CA VAL B 7 2.87 -3.93 8.68
C VAL B 7 3.06 -4.65 10.01
N ILE B 8 3.29 -3.89 11.10
CA ILE B 8 3.43 -4.48 12.43
C ILE B 8 2.17 -5.26 12.81
N ASP B 9 1.00 -4.66 12.57
CA ASP B 9 -0.25 -5.38 12.84
C ASP B 9 -0.32 -6.68 12.05
N ALA B 10 0.17 -6.66 10.80
CA ALA B 10 0.13 -7.86 9.99
C ALA B 10 1.14 -8.90 10.45
N ILE B 11 2.34 -8.46 10.85
CA ILE B 11 3.35 -9.38 11.37
C ILE B 11 2.84 -10.08 12.62
N ASN B 12 2.24 -9.32 13.53
CA ASN B 12 1.84 -9.89 14.81
C ASN B 12 0.57 -10.74 14.70
N SER B 13 -0.26 -10.51 13.69
CA SER B 13 -1.47 -11.27 13.43
C SER B 13 -2.42 -11.34 14.62
N GLY B 14 -2.13 -10.60 15.70
CA GLY B 14 -2.99 -10.58 16.85
C GLY B 14 -4.27 -9.81 16.56
N ALA B 15 -5.19 -9.82 17.52
CA ALA B 15 -6.43 -9.11 17.31
C ALA B 15 -6.18 -7.61 17.36
N THR B 16 -6.64 -6.92 16.34
CA THR B 16 -6.58 -5.47 16.25
C THR B 16 -7.82 -4.85 16.87
N LEU B 17 -7.79 -3.52 17.04
CA LEU B 17 -8.98 -2.83 17.49
C LEU B 17 -10.11 -2.95 16.47
N LYS B 18 -9.79 -2.95 15.18
CA LYS B 18 -10.81 -3.13 14.16
C LYS B 18 -11.39 -4.54 14.19
N ASP B 19 -10.55 -5.55 14.44
CA ASP B 19 -11.03 -6.93 14.50
C ASP B 19 -12.12 -7.11 15.55
N ILE B 20 -12.07 -6.33 16.63
CA ILE B 20 -13.07 -6.43 17.70
C ILE B 20 -14.15 -5.35 17.58
N ASN B 21 -14.20 -4.63 16.46
CA ASN B 21 -15.18 -3.57 16.24
C ASN B 21 -15.20 -2.60 17.42
N ALA B 22 -14.01 -2.11 17.78
CA ALA B 22 -13.87 -1.31 18.98
C ALA B 22 -14.50 0.06 18.88
N ILE B 23 -14.67 0.61 17.67
CA ILE B 23 -15.30 1.90 17.48
C ILE B 23 -16.36 1.78 16.38
N PRO B 24 -17.62 2.09 16.66
CA PRO B 24 -18.66 1.96 15.64
C PRO B 24 -18.44 2.88 14.45
N ASP B 25 -19.04 2.50 13.32
CA ASP B 25 -18.89 3.29 12.10
C ASP B 25 -19.33 4.72 12.30
N ASP B 26 -20.44 4.94 13.02
CA ASP B 26 -20.97 6.29 13.18
C ASP B 26 -20.01 7.18 13.95
N MET B 27 -19.33 6.62 14.95
CA MET B 27 -18.33 7.40 15.67
C MET B 27 -17.10 7.67 14.81
N MET B 28 -16.67 6.68 14.02
CA MET B 28 -15.57 6.90 13.09
C MET B 28 -15.92 8.01 12.11
N ASP B 29 -17.15 8.01 11.59
CA ASP B 29 -17.61 9.11 10.72
C ASP B 29 -17.48 10.46 11.42
N ASP B 30 -17.89 10.53 12.70
CA ASP B 30 -17.80 11.79 13.43
C ASP B 30 -16.36 12.26 13.58
N ILE B 31 -15.45 11.34 13.91
CA ILE B 31 -14.04 11.69 14.09
C ILE B 31 -13.43 12.18 12.78
N TYR B 32 -13.79 11.54 11.66
CA TYR B 32 -13.33 12.00 10.36
C TYR B 32 -13.78 13.43 10.10
N SER B 33 -15.04 13.74 10.43
N SER B 33 -15.05 13.73 10.42
CA SER B 33 -15.51 15.11 10.21
CA SER B 33 -15.54 15.09 10.23
C SER B 33 -14.81 16.09 11.14
C SER B 33 -14.79 16.08 11.13
N TYR B 34 -14.52 15.67 12.38
CA TYR B 34 -13.75 16.54 13.27
C TYR B 34 -12.35 16.76 12.72
N ALA B 35 -11.75 15.70 12.16
CA ALA B 35 -10.41 15.82 11.59
C ALA B 35 -10.39 16.87 10.48
N TYR B 36 -11.39 16.85 9.62
N TYR B 36 -11.38 16.86 9.60
CA TYR B 36 -11.42 17.82 8.52
CA TYR B 36 -11.44 17.84 8.53
C TYR B 36 -11.79 19.21 9.02
C TYR B 36 -11.78 19.23 9.04
N ASP B 37 -12.58 19.31 10.11
CA ASP B 37 -12.83 20.61 10.74
C ASP B 37 -11.50 21.25 11.17
N PHE B 38 -10.66 20.50 11.87
CA PHE B 38 -9.32 21.00 12.20
C PHE B 38 -8.57 21.41 10.93
N TYR B 39 -8.57 20.54 9.92
CA TYR B 39 -7.84 20.86 8.70
C TYR B 39 -8.37 22.14 8.07
N ASN B 40 -9.70 22.26 7.96
CA ASN B 40 -10.29 23.40 7.25
C ASN B 40 -10.01 24.72 7.96
N LYS B 41 -9.76 24.67 9.28
N LYS B 41 -9.77 24.68 9.27
CA LYS B 41 -9.44 25.85 10.06
CA LYS B 41 -9.44 25.89 10.02
C LYS B 41 -7.95 26.17 10.06
C LYS B 41 -7.95 26.17 10.06
N GLY B 42 -7.13 25.36 9.41
CA GLY B 42 -5.70 25.53 9.40
C GLY B 42 -4.98 24.85 10.54
N ARG B 43 -5.68 24.08 11.35
CA ARG B 43 -5.08 23.33 12.47
C ARG B 43 -4.56 22.00 11.95
N ILE B 44 -3.50 22.10 11.14
CA ILE B 44 -3.02 20.93 10.39
C ILE B 44 -2.40 19.90 11.32
N GLU B 45 -1.75 20.35 12.41
CA GLU B 45 -1.14 19.40 13.34
C GLU B 45 -2.19 18.54 14.02
N GLU B 46 -3.30 19.14 14.47
CA GLU B 46 -4.37 18.36 15.08
C GLU B 46 -5.06 17.49 14.05
N ALA B 47 -5.28 18.00 12.85
CA ALA B 47 -5.85 17.17 11.79
C ALA B 47 -4.96 15.95 11.53
N GLU B 48 -3.64 16.14 11.52
CA GLU B 48 -2.74 15.02 11.29
C GLU B 48 -2.89 13.97 12.39
N VAL B 49 -2.95 14.38 13.65
CA VAL B 49 -3.17 13.43 14.73
C VAL B 49 -4.47 12.65 14.51
N PHE B 50 -5.55 13.37 14.18
CA PHE B 50 -6.84 12.69 14.01
C PHE B 50 -6.81 11.74 12.82
N PHE B 51 -6.20 12.14 11.70
CA PHE B 51 -6.09 11.20 10.58
C PHE B 51 -5.18 10.02 10.91
N ARG B 52 -4.10 10.26 11.67
N ARG B 52 -4.11 10.25 11.68
CA ARG B 52 -3.26 9.16 12.12
CA ARG B 52 -3.29 9.13 12.09
C ARG B 52 -4.07 8.19 12.99
C ARG B 52 -4.03 8.18 13.03
N PHE B 53 -4.89 8.73 13.89
CA PHE B 53 -5.76 7.91 14.72
C PHE B 53 -6.69 7.07 13.84
N LEU B 54 -7.32 7.69 12.85
CA LEU B 54 -8.22 6.95 11.98
C LEU B 54 -7.48 5.85 11.22
N CYS B 55 -6.26 6.14 10.76
CA CYS B 55 -5.48 5.18 10.00
C CYS B 55 -4.89 4.07 10.85
N ILE B 56 -4.72 4.30 12.16
CA ILE B 56 -4.40 3.19 13.05
C ILE B 56 -5.61 2.28 13.22
N TYR B 57 -6.80 2.87 13.39
CA TYR B 57 -7.97 2.03 13.62
C TYR B 57 -8.38 1.27 12.37
N ASP B 58 -8.39 1.92 11.21
CA ASP B 58 -8.90 1.33 9.97
C ASP B 58 -7.99 1.86 8.87
N PHE B 59 -6.83 1.21 8.72
CA PHE B 59 -5.86 1.65 7.72
C PHE B 59 -6.36 1.46 6.30
N TYR B 60 -7.21 0.47 6.07
CA TYR B 60 -7.60 0.09 4.71
C TYR B 60 -8.86 0.81 4.26
N ASN B 61 -8.92 2.09 4.58
CA ASN B 61 -10.06 2.97 4.29
C ASN B 61 -9.58 4.12 3.41
N VAL B 62 -10.14 4.20 2.19
N VAL B 62 -10.11 4.19 2.18
CA VAL B 62 -9.65 5.17 1.23
CA VAL B 62 -9.65 5.19 1.21
C VAL B 62 -9.79 6.60 1.74
C VAL B 62 -9.78 6.59 1.76
N ASP B 63 -10.88 6.88 2.46
CA ASP B 63 -11.14 8.25 2.90
C ASP B 63 -10.10 8.69 3.92
N TYR B 64 -9.73 7.79 4.82
CA TYR B 64 -8.75 8.14 5.85
C TYR B 64 -7.37 8.29 5.24
N ILE B 65 -7.02 7.39 4.33
CA ILE B 65 -5.69 7.41 3.72
C ILE B 65 -5.52 8.66 2.87
N MET B 66 -6.55 9.03 2.11
CA MET B 66 -6.44 10.22 1.25
C MET B 66 -6.28 11.48 2.08
N GLY B 67 -6.96 11.56 3.23
CA GLY B 67 -6.82 12.75 4.05
C GLY B 67 -5.41 12.90 4.59
N LEU B 68 -4.84 11.80 5.09
CA LEU B 68 -3.49 11.84 5.61
C LEU B 68 -2.47 12.11 4.50
N ALA B 69 -2.66 11.47 3.33
CA ALA B 69 -1.73 11.72 2.23
C ALA B 69 -1.72 13.19 1.83
N ALA B 70 -2.89 13.82 1.79
CA ALA B 70 -2.96 15.22 1.43
C ALA B 70 -2.21 16.08 2.43
N ILE B 71 -2.33 15.76 3.73
CA ILE B 71 -1.64 16.53 4.75
C ILE B 71 -0.14 16.41 4.57
N TYR B 72 0.35 15.21 4.29
CA TYR B 72 1.77 15.04 4.05
C TYR B 72 2.22 15.81 2.81
N GLN B 73 1.40 15.83 1.76
CA GLN B 73 1.78 16.59 0.57
C GLN B 73 1.87 18.08 0.88
N ILE B 74 0.88 18.61 1.61
CA ILE B 74 0.90 20.02 2.01
C ILE B 74 2.16 20.32 2.82
N LYS B 75 2.56 19.39 3.69
CA LYS B 75 3.74 19.56 4.53
C LYS B 75 5.05 19.27 3.82
N GLU B 76 5.00 18.95 2.52
CA GLU B 76 6.19 18.66 1.72
C GLU B 76 6.89 17.38 2.17
N GLN B 77 6.15 16.47 2.78
CA GLN B 77 6.66 15.13 3.07
C GLN B 77 6.26 14.22 1.91
N PHE B 78 6.98 14.39 0.81
CA PHE B 78 6.49 13.90 -0.48
C PHE B 78 6.56 12.39 -0.59
N GLN B 79 7.57 11.76 0.00
CA GLN B 79 7.64 10.31 -0.08
C GLN B 79 6.52 9.66 0.73
N GLN B 80 6.27 10.16 1.94
CA GLN B 80 5.18 9.61 2.73
C GLN B 80 3.84 9.83 2.05
N ALA B 81 3.65 11.00 1.45
CA ALA B 81 2.42 11.25 0.70
C ALA B 81 2.29 10.29 -0.47
N ALA B 82 3.35 10.13 -1.27
CA ALA B 82 3.27 9.25 -2.43
C ALA B 82 2.94 7.83 -2.03
N ASP B 83 3.54 7.34 -0.95
CA ASP B 83 3.27 5.99 -0.48
C ASP B 83 1.81 5.82 -0.11
N LEU B 84 1.24 6.81 0.60
CA LEU B 84 -0.16 6.73 1.01
C LEU B 84 -1.11 6.87 -0.18
N TYR B 85 -0.81 7.78 -1.11
CA TYR B 85 -1.65 7.88 -2.30
C TYR B 85 -1.69 6.55 -3.03
N ALA B 86 -0.55 5.85 -3.08
CA ALA B 86 -0.52 4.54 -3.72
C ALA B 86 -1.38 3.53 -2.97
N VAL B 87 -1.40 3.59 -1.63
CA VAL B 87 -2.33 2.76 -0.88
C VAL B 87 -3.76 3.10 -1.27
N ALA B 88 -4.08 4.40 -1.33
CA ALA B 88 -5.45 4.80 -1.66
C ALA B 88 -5.86 4.26 -3.02
N PHE B 89 -4.95 4.32 -4.00
CA PHE B 89 -5.29 3.78 -5.31
C PHE B 89 -5.57 2.27 -5.24
N ALA B 90 -4.72 1.52 -4.51
CA ALA B 90 -4.95 0.09 -4.36
C ALA B 90 -6.31 -0.17 -3.73
N LEU B 91 -6.70 0.68 -2.80
CA LEU B 91 -8.00 0.54 -2.16
C LEU B 91 -9.14 1.03 -3.05
N GLY B 92 -8.90 2.01 -3.93
CA GLY B 92 -9.91 2.54 -4.82
C GLY B 92 -9.42 2.54 -6.25
N LYS B 93 -9.46 1.37 -6.90
CA LYS B 93 -8.79 1.17 -8.18
C LYS B 93 -9.37 1.95 -9.35
N ASN B 94 -10.44 2.72 -9.15
CA ASN B 94 -11.09 3.36 -10.28
C ASN B 94 -11.06 4.89 -10.16
N ASP B 95 -10.34 5.42 -9.18
CA ASP B 95 -10.17 6.85 -9.01
C ASP B 95 -8.70 7.17 -9.30
N TYR B 96 -8.45 7.95 -10.35
CA TYR B 96 -7.08 8.29 -10.68
C TYR B 96 -6.57 9.54 -9.98
N THR B 97 -7.40 10.18 -9.15
CA THR B 97 -6.94 11.32 -8.37
C THR B 97 -5.70 10.99 -7.56
N PRO B 98 -5.64 9.88 -6.80
CA PRO B 98 -4.39 9.59 -6.07
C PRO B 98 -3.22 9.33 -6.98
N VAL B 99 -3.45 8.82 -8.19
CA VAL B 99 -2.34 8.61 -9.11
C VAL B 99 -1.79 9.95 -9.58
N PHE B 100 -2.68 10.90 -9.86
CA PHE B 100 -2.24 12.25 -10.23
C PHE B 100 -1.40 12.86 -9.11
N HIS B 101 -1.87 12.77 -7.87
CA HIS B 101 -1.10 13.37 -6.79
C HIS B 101 0.21 12.63 -6.56
N THR B 102 0.21 11.31 -6.74
CA THR B 102 1.48 10.58 -6.66
C THR B 102 2.46 11.15 -7.70
N GLY B 103 1.97 11.45 -8.89
CA GLY B 103 2.85 12.02 -9.90
C GLY B 103 3.45 13.35 -9.47
N GLN B 104 2.63 14.22 -8.86
CA GLN B 104 3.16 15.47 -8.33
C GLN B 104 4.26 15.21 -7.32
N CYS B 105 4.01 14.26 -6.40
CA CYS B 105 5.02 13.95 -5.39
C CYS B 105 6.31 13.44 -6.01
N GLN B 106 6.19 12.57 -7.01
CA GLN B 106 7.39 12.01 -7.62
C GLN B 106 8.22 13.09 -8.29
N LEU B 107 7.56 14.06 -8.93
CA LEU B 107 8.28 15.18 -9.52
C LEU B 107 9.05 15.96 -8.46
N ARG B 108 8.42 16.19 -7.29
CA ARG B 108 9.12 16.89 -6.22
C ARG B 108 10.25 16.04 -5.64
N LEU B 109 10.15 14.72 -5.73
CA LEU B 109 11.19 13.80 -5.29
C LEU B 109 12.28 13.58 -6.34
N LYS B 110 12.28 14.36 -7.42
CA LYS B 110 13.30 14.25 -8.47
C LYS B 110 13.28 12.89 -9.15
N ALA B 111 12.08 12.34 -9.33
CA ALA B 111 11.87 11.07 -10.03
C ALA B 111 10.94 11.33 -11.21
N PRO B 112 11.41 12.05 -12.23
CA PRO B 112 10.50 12.45 -13.32
C PRO B 112 9.97 11.30 -14.16
N LEU B 113 10.73 10.20 -14.30
CA LEU B 113 10.22 9.06 -15.05
C LEU B 113 9.06 8.39 -14.31
N LYS B 114 9.15 8.26 -12.98
CA LYS B 114 8.01 7.77 -12.22
C LYS B 114 6.83 8.72 -12.34
N ALA B 115 7.09 10.03 -12.27
CA ALA B 115 6.01 11.01 -12.39
C ALA B 115 5.32 10.89 -13.74
N LYS B 116 6.12 10.81 -14.80
CA LYS B 116 5.57 10.67 -16.15
C LYS B 116 4.68 9.45 -16.26
N GLU B 117 5.09 8.33 -15.66
CA GLU B 117 4.27 7.13 -15.69
C GLU B 117 2.93 7.36 -15.02
N CYS B 118 2.93 8.06 -13.88
CA CYS B 118 1.69 8.38 -13.19
C CYS B 118 0.77 9.23 -14.06
N PHE B 119 1.32 10.29 -14.65
CA PHE B 119 0.47 11.18 -15.44
C PHE B 119 -0.06 10.48 -16.69
N GLU B 120 0.75 9.61 -17.31
CA GLU B 120 0.30 8.86 -18.47
C GLU B 120 -0.84 7.92 -18.12
N LEU B 121 -0.80 7.30 -16.93
CA LEU B 121 -1.88 6.41 -16.52
C LEU B 121 -3.18 7.20 -16.42
N VAL B 122 -3.11 8.41 -15.87
CA VAL B 122 -4.29 9.26 -15.78
C VAL B 122 -4.88 9.50 -17.16
N ILE B 123 -4.04 9.94 -18.11
N ILE B 123 -4.04 9.89 -18.13
CA ILE B 123 -4.51 10.24 -19.47
CA ILE B 123 -4.59 10.26 -19.43
C ILE B 123 -5.18 9.02 -20.07
C ILE B 123 -5.12 9.03 -20.18
N GLN B 124 -4.53 7.87 -19.94
CA GLN B 124 -4.99 6.67 -20.63
C GLN B 124 -6.26 6.09 -20.01
N HIS B 125 -6.43 6.20 -18.70
CA HIS B 125 -7.44 5.41 -18.02
C HIS B 125 -8.51 6.22 -17.30
N SER B 126 -8.24 7.47 -16.92
CA SER B 126 -9.22 8.24 -16.18
C SER B 126 -10.32 8.73 -17.12
N ASN B 127 -11.54 8.80 -16.60
CA ASN B 127 -12.63 9.45 -17.31
C ASN B 127 -12.93 10.85 -16.77
N ASP B 128 -12.06 11.36 -15.91
CA ASP B 128 -12.19 12.70 -15.34
C ASP B 128 -11.46 13.63 -16.30
N GLU B 129 -12.22 14.35 -17.12
CA GLU B 129 -11.58 15.15 -18.17
C GLU B 129 -10.75 16.28 -17.59
N LYS B 130 -11.18 16.87 -16.48
CA LYS B 130 -10.41 17.95 -15.86
C LYS B 130 -9.10 17.43 -15.27
N LEU B 131 -9.15 16.25 -14.64
CA LEU B 131 -7.92 15.65 -14.11
C LEU B 131 -6.95 15.36 -15.25
N LYS B 132 -7.47 14.93 -16.40
CA LYS B 132 -6.61 14.63 -17.55
C LYS B 132 -5.90 15.89 -18.03
N ILE B 133 -6.59 17.03 -18.10
CA ILE B 133 -5.93 18.27 -18.48
C ILE B 133 -4.78 18.58 -17.52
N LYS B 134 -5.04 18.46 -16.23
CA LYS B 134 -3.99 18.74 -15.25
C LYS B 134 -2.82 17.80 -15.44
N ALA B 135 -3.09 16.51 -15.65
CA ALA B 135 -2.00 15.56 -15.86
C ALA B 135 -1.20 15.92 -17.10
N GLN B 136 -1.89 16.33 -18.18
CA GLN B 136 -1.18 16.69 -19.40
C GLN B 136 -0.29 17.90 -19.21
N SER B 137 -0.71 18.86 -18.38
N SER B 137 -0.71 18.86 -18.39
CA SER B 137 0.11 20.06 -18.14
CA SER B 137 0.11 20.05 -18.16
C SER B 137 1.43 19.69 -17.49
C SER B 137 1.44 19.70 -17.48
N TYR B 138 1.43 18.68 -16.61
CA TYR B 138 2.68 18.21 -16.03
C TYR B 138 3.51 17.48 -17.08
N LEU B 139 2.87 16.64 -17.89
CA LEU B 139 3.59 15.95 -18.96
C LEU B 139 4.24 16.94 -19.92
N ASP B 140 3.54 18.02 -20.26
CA ASP B 140 4.11 19.03 -21.15
C ASP B 140 5.39 19.64 -20.58
N ALA B 141 5.50 19.72 -19.25
CA ALA B 141 6.67 20.29 -18.61
C ALA B 141 7.78 19.28 -18.39
N ILE B 142 7.46 17.99 -18.40
N ILE B 142 7.46 17.99 -18.40
CA ILE B 142 8.46 16.93 -18.25
CA ILE B 142 8.45 16.94 -18.25
C ILE B 142 9.13 16.64 -19.60
C ILE B 142 9.20 16.72 -19.57
MG MG C . 21.76 -3.65 -1.42
CL CL D . -17.46 -8.88 -4.66
S DMS E . 0.98 5.18 -9.00
S DMS E . 1.06 4.20 -7.93
O DMS E . 2.46 5.12 -8.80
O DMS E . 2.14 5.01 -8.58
C1 DMS E . 0.39 3.58 -9.62
C1 DMS E . -0.25 5.33 -7.35
C2 DMS E . 0.14 5.24 -7.41
C2 DMS E . 0.13 3.29 -9.20
C1 PEG F . 2.81 -14.53 -10.34
O1 PEG F . 2.79 -15.94 -10.28
C2 PEG F . 3.86 -14.04 -11.30
O2 PEG F . 3.62 -14.63 -12.57
C3 PEG F . 4.20 -13.90 -13.65
C4 PEG F . 5.51 -14.52 -14.04
O4 PEG F . 5.35 -15.87 -14.43
MG MG G . -17.55 17.79 8.02
CL CL H . 8.35 5.39 -4.68
CL CL I . 12.57 8.55 -12.21
N 5I8 J . -7.16 17.32 0.79
C 5I8 J . -7.50 16.29 4.89
C1 5I8 J . -7.36 16.67 3.45
C10 5I8 J . -9.95 12.85 -3.22
C11 5I8 J . -9.17 13.96 -2.95
C12 5I8 J . -8.93 14.33 -1.63
C13 5I8 J . -8.15 15.44 -1.06
C2 5I8 J . -6.76 17.86 3.07
C3 5I8 J . -6.68 18.15 1.72
C4 5I8 J . -6.04 19.42 1.22
C5 5I8 J . -7.73 16.19 1.26
C6 5I8 J . -9.05 14.19 0.73
C7 5I8 J . -9.46 13.59 -0.58
C8 5I8 J . -10.25 12.48 -0.86
C9 5I8 J . -10.49 12.11 -2.18
N1 5I8 J . -7.86 15.82 2.55
N2 5I8 J . -8.25 15.34 0.32
N3 5I8 J . -7.50 16.33 -1.70
C1 PEG K . -7.31 18.49 -7.88
O1 PEG K . -6.28 19.24 -8.51
C2 PEG K . -7.73 17.33 -8.73
O2 PEG K . -8.29 17.81 -9.95
C3 PEG K . -9.48 17.11 -10.31
C4 PEG K . -10.12 17.76 -11.49
O4 PEG K . -10.50 19.11 -11.21
#